data_1ONF
#
_entry.id   1ONF
#
_cell.length_a   90.640
_cell.length_b   90.640
_cell.length_c   123.320
_cell.angle_alpha   90.00
_cell.angle_beta   90.00
_cell.angle_gamma   90.00
#
_symmetry.space_group_name_H-M   'P 41 2 2'
#
loop_
_entity.id
_entity.type
_entity.pdbx_description
1 polymer 'Glutathione reductase'
2 non-polymer 'FLAVIN-ADENINE DINUCLEOTIDE'
3 water water
#
_entity_poly.entity_id   1
_entity_poly.type   'polypeptide(L)'
_entity_poly.pdbx_seq_one_letter_code
;MVYDLIVIGGGSGGMAAARRAARHNAKVALVEKSRLGGTCVNVGCVPKKIMFNAASVHDILENSRHYGFDTKFSFNLPLL
VERRDKYIQRLNNIYRQNLSKDKVDLYEGTASFLSENRILIKGTKDNNNKDNGPLNEEILEGRNILIAVGNKPVFPPVKG
IENTISSDEFFNIKESKKIGIVGSGYIAVELINVIKRLGIDSYIFARGNRILRKFDESVINVLENDMKKNNINIVTFADV
VEIKKVSDKNLSIHLSDGRIYEHFDHVIYCVGRSPDTENLKLEKLNVETNNNYIVVDENQRTSVNNIYAVGDCCMVKKSK
EIEDLNLLKLYNEERYLNKKENVTEDIFYNVQLTPVAINAGRLLADRLFLKKTRKTNYKLIPTVIFSHPPIGTIGLSEEA
AIQIYGKENVKIYESKFTNLFFSVYDIEPELKEKTYLKLVCVGKDELIKGLHIIGLNADEIVQGFAVALKMNATKKDFDE
TIPIHPTAAEEFLTLQPWMK
;
_entity_poly.pdbx_strand_id   A
#
# COMPACT_ATOMS: atom_id res chain seq x y z
N VAL A 2 19.28 28.69 15.85
CA VAL A 2 19.25 27.28 16.35
C VAL A 2 17.82 26.73 16.41
N TYR A 3 17.60 25.54 15.86
CA TYR A 3 16.27 24.89 15.93
C TYR A 3 16.19 23.86 17.05
N ASP A 4 15.00 23.69 17.63
CA ASP A 4 14.80 22.59 18.57
C ASP A 4 14.82 21.24 17.86
N LEU A 5 14.45 21.26 16.58
CA LEU A 5 14.35 20.03 15.76
C LEU A 5 14.29 20.41 14.31
N ILE A 6 15.13 19.78 13.51
CA ILE A 6 15.09 20.02 12.08
C ILE A 6 14.62 18.73 11.43
N VAL A 7 13.56 18.82 10.62
CA VAL A 7 12.98 17.66 9.91
C VAL A 7 13.58 17.52 8.52
N ILE A 8 14.15 16.36 8.23
CA ILE A 8 14.65 16.09 6.89
C ILE A 8 13.66 15.08 6.26
N GLY A 9 12.89 15.56 5.28
CA GLY A 9 11.87 14.77 4.62
C GLY A 9 10.45 15.28 4.89
N GLY A 10 9.81 15.86 3.87
CA GLY A 10 8.50 16.45 4.04
C GLY A 10 7.42 15.50 3.54
N GLY A 11 7.69 14.20 3.66
CA GLY A 11 6.73 13.23 3.21
C GLY A 11 5.74 13.09 4.33
N SER A 12 5.17 11.90 4.48
CA SER A 12 4.20 11.60 5.49
C SER A 12 4.70 11.83 6.86
N GLY A 13 5.86 11.27 7.17
CA GLY A 13 6.44 11.30 8.51
C GLY A 13 6.98 12.63 8.98
N GLY A 14 7.92 13.19 8.25
CA GLY A 14 8.42 14.51 8.58
C GLY A 14 7.33 15.55 8.76
N MET A 15 6.35 15.57 7.87
CA MET A 15 5.33 16.59 8.03
C MET A 15 4.55 16.49 9.34
N ALA A 16 4.07 15.30 9.64
CA ALA A 16 3.29 15.09 10.83
C ALA A 16 4.18 15.45 12.01
N ALA A 17 5.36 14.83 12.04
CA ALA A 17 6.35 15.08 13.06
C ALA A 17 6.51 16.58 13.24
N ALA A 18 6.93 17.23 12.16
CA ALA A 18 7.11 18.66 12.15
C ALA A 18 5.95 19.51 12.68
N ARG A 19 4.72 19.17 12.30
CA ARG A 19 3.63 20.00 12.75
C ARG A 19 3.29 19.72 14.19
N ARG A 20 3.40 18.45 14.62
CA ARG A 20 3.09 18.04 16.01
C ARG A 20 4.00 18.74 17.06
N ALA A 21 5.30 18.64 16.83
CA ALA A 21 6.28 19.31 17.65
C ALA A 21 5.96 20.78 17.55
N ALA A 22 5.48 21.18 16.39
CA ALA A 22 5.12 22.57 16.19
C ALA A 22 4.10 22.95 17.25
N ARG A 23 3.17 22.04 17.49
CA ARG A 23 2.05 22.20 18.39
C ARG A 23 2.48 22.34 19.84
N HIS A 24 3.64 21.79 20.15
CA HIS A 24 4.19 21.81 21.49
C HIS A 24 5.15 22.97 21.64
N ASN A 25 5.11 23.90 20.71
CA ASN A 25 5.98 25.10 20.78
C ASN A 25 7.44 24.91 20.44
N ALA A 26 7.77 23.88 19.67
CA ALA A 26 9.16 23.71 19.30
C ALA A 26 9.56 24.63 18.14
N LYS A 27 10.76 25.21 18.19
CA LYS A 27 11.20 25.93 17.02
C LYS A 27 11.51 24.87 15.93
N VAL A 28 10.61 24.70 14.98
CA VAL A 28 10.80 23.64 13.98
C VAL A 28 11.18 24.07 12.57
N ALA A 29 11.99 23.23 11.96
CA ALA A 29 12.45 23.48 10.60
C ALA A 29 12.29 22.21 9.78
N LEU A 30 11.79 22.31 8.55
CA LEU A 30 11.71 21.14 7.68
C LEU A 30 12.25 21.51 6.27
N VAL A 31 13.10 20.70 5.65
CA VAL A 31 13.65 21.01 4.33
C VAL A 31 13.28 19.92 3.34
N GLU A 32 12.80 20.34 2.20
CA GLU A 32 12.39 19.40 1.18
C GLU A 32 12.97 19.75 -0.14
N LYS A 33 13.20 18.69 -0.88
CA LYS A 33 13.79 18.93 -2.18
C LYS A 33 12.71 18.85 -3.30
N SER A 34 11.85 17.76 -3.40
CA SER A 34 10.80 17.82 -4.43
C SER A 34 9.50 18.34 -3.83
N ARG A 35 8.39 18.10 -4.51
CA ARG A 35 7.12 18.55 -4.00
C ARG A 35 6.79 17.92 -2.64
N LEU A 36 6.10 18.69 -1.79
CA LEU A 36 5.67 18.27 -0.46
C LEU A 36 4.66 17.13 -0.49
N GLY A 37 4.68 16.31 0.55
CA GLY A 37 3.74 15.23 0.73
C GLY A 37 4.36 13.95 0.22
N GLY A 38 5.57 14.08 -0.30
CA GLY A 38 6.35 12.95 -0.80
C GLY A 38 5.70 11.80 -1.59
N THR A 39 6.16 10.58 -1.30
CA THR A 39 5.72 9.34 -1.95
C THR A 39 4.18 9.13 -1.93
N CYS A 40 3.55 9.06 -0.76
CA CYS A 40 2.09 8.89 -0.64
C CYS A 40 1.26 9.87 -1.47
N VAL A 41 1.70 11.12 -1.50
CA VAL A 41 0.90 12.11 -2.15
C VAL A 41 1.17 12.21 -3.62
N ASN A 42 2.43 12.25 -4.01
CA ASN A 42 2.75 12.52 -5.41
C ASN A 42 2.90 11.29 -6.27
N VAL A 43 3.23 10.15 -5.66
CA VAL A 43 3.38 8.92 -6.42
C VAL A 43 2.97 7.62 -5.72
N GLY A 44 2.22 7.71 -4.65
CA GLY A 44 1.76 6.49 -4.03
C GLY A 44 0.26 6.50 -3.85
N CYS A 45 -0.17 6.18 -2.63
CA CYS A 45 -1.58 6.21 -2.13
C CYS A 45 -2.57 7.12 -2.82
N VAL A 46 -2.28 8.41 -2.90
CA VAL A 46 -3.24 9.35 -3.47
C VAL A 46 -3.65 9.10 -4.96
N PRO A 47 -2.74 9.27 -5.90
CA PRO A 47 -3.05 8.94 -7.29
C PRO A 47 -3.49 7.46 -7.41
N LYS A 48 -2.78 6.54 -6.75
CA LYS A 48 -3.12 5.17 -6.92
C LYS A 48 -4.62 5.04 -6.63
N LYS A 49 -5.03 5.61 -5.48
CA LYS A 49 -6.43 5.52 -5.06
C LYS A 49 -7.40 6.20 -6.03
N ILE A 50 -6.97 7.31 -6.63
CA ILE A 50 -7.78 7.97 -7.65
C ILE A 50 -8.02 7.08 -8.88
N MET A 51 -6.99 6.32 -9.29
CA MET A 51 -7.04 5.43 -10.44
C MET A 51 -7.89 4.19 -10.08
N PHE A 52 -7.83 3.76 -8.81
CA PHE A 52 -8.72 2.68 -8.38
C PHE A 52 -10.19 3.15 -8.51
N ASN A 53 -10.49 4.39 -8.09
CA ASN A 53 -11.87 4.90 -8.25
C ASN A 53 -12.26 4.97 -9.69
N ALA A 54 -11.30 5.39 -10.50
CA ALA A 54 -11.51 5.46 -11.92
C ALA A 54 -11.94 4.11 -12.46
N ALA A 55 -11.22 3.07 -12.10
CA ALA A 55 -11.52 1.73 -12.63
C ALA A 55 -12.83 1.28 -12.07
N SER A 56 -13.19 1.79 -10.91
CA SER A 56 -14.51 1.49 -10.39
C SER A 56 -15.60 2.16 -11.16
N VAL A 57 -15.34 3.33 -11.73
CA VAL A 57 -16.40 3.99 -12.49
C VAL A 57 -16.63 3.23 -13.83
N HIS A 58 -15.52 2.87 -14.50
CA HIS A 58 -15.60 2.06 -15.69
C HIS A 58 -16.45 0.77 -15.53
N ASP A 59 -16.23 0.00 -14.46
CA ASP A 59 -17.10 -1.13 -14.25
C ASP A 59 -18.59 -0.67 -14.02
N ILE A 60 -18.80 0.35 -13.19
CA ILE A 60 -20.17 0.75 -13.02
C ILE A 60 -20.76 1.14 -14.39
N LEU A 61 -20.04 1.87 -15.22
CA LEU A 61 -20.55 2.25 -16.53
C LEU A 61 -20.76 1.04 -17.43
N GLU A 62 -19.82 0.09 -17.39
CA GLU A 62 -19.98 -1.08 -18.24
C GLU A 62 -21.20 -1.88 -17.83
N ASN A 63 -21.75 -1.68 -16.64
CA ASN A 63 -22.83 -2.59 -16.14
C ASN A 63 -24.16 -1.96 -15.76
N SER A 64 -24.28 -0.66 -16.03
CA SER A 64 -25.44 0.08 -15.61
C SER A 64 -26.70 -0.39 -16.22
N ARG A 65 -26.59 -1.16 -17.29
CA ARG A 65 -27.76 -1.64 -17.99
C ARG A 65 -28.67 -2.58 -17.15
N HIS A 66 -28.07 -3.30 -16.20
CA HIS A 66 -28.75 -4.22 -15.32
C HIS A 66 -29.48 -3.44 -14.20
N TYR A 67 -29.37 -2.14 -14.24
CA TYR A 67 -29.97 -1.26 -13.27
C TYR A 67 -30.94 -0.31 -13.96
N GLY A 68 -31.23 -0.53 -15.26
CA GLY A 68 -32.21 0.23 -15.99
C GLY A 68 -31.67 1.27 -16.93
N PHE A 69 -30.35 1.45 -16.92
CA PHE A 69 -29.77 2.52 -17.72
C PHE A 69 -29.34 2.11 -19.11
N ASP A 70 -29.40 3.06 -20.04
CA ASP A 70 -28.94 2.91 -21.40
C ASP A 70 -27.73 3.74 -21.47
N THR A 71 -26.59 3.07 -21.60
CA THR A 71 -25.28 3.72 -21.50
C THR A 71 -24.32 3.38 -22.60
N LYS A 72 -23.68 4.42 -23.08
CA LYS A 72 -22.74 4.41 -24.19
C LYS A 72 -21.69 5.45 -23.75
N PHE A 73 -20.47 4.96 -23.62
CA PHE A 73 -19.45 5.80 -23.04
C PHE A 73 -18.05 5.55 -23.58
N SER A 74 -17.25 6.57 -23.63
CA SER A 74 -15.91 6.22 -23.94
C SER A 74 -15.00 6.75 -22.81
N PHE A 75 -13.81 6.21 -22.77
CA PHE A 75 -12.87 6.57 -21.76
C PHE A 75 -11.68 7.21 -22.47
N ASN A 76 -11.11 8.20 -21.81
CA ASN A 76 -10.05 8.93 -22.36
C ASN A 76 -9.07 9.09 -21.24
N LEU A 77 -7.98 8.30 -21.22
CA LEU A 77 -7.01 8.34 -20.13
C LEU A 77 -6.30 9.69 -19.89
N PRO A 78 -5.87 10.41 -20.93
CA PRO A 78 -5.27 11.72 -20.74
C PRO A 78 -6.09 12.66 -19.86
N LEU A 79 -7.42 12.57 -19.90
CA LEU A 79 -8.30 13.37 -19.02
C LEU A 79 -8.25 12.96 -17.56
N LEU A 80 -8.41 11.67 -17.33
CA LEU A 80 -8.23 11.18 -15.99
C LEU A 80 -6.85 11.73 -15.54
N VAL A 81 -5.86 11.78 -16.46
CA VAL A 81 -4.52 12.26 -16.09
C VAL A 81 -4.48 13.72 -15.63
N GLU A 82 -5.02 14.65 -16.44
CA GLU A 82 -5.08 16.01 -15.98
C GLU A 82 -5.95 16.28 -14.75
N ARG A 83 -7.11 15.61 -14.66
CA ARG A 83 -7.90 15.83 -13.45
C ARG A 83 -7.04 15.47 -12.27
N ARG A 84 -6.48 14.28 -12.33
CA ARG A 84 -5.79 13.71 -11.21
C ARG A 84 -4.53 14.51 -10.81
N ASP A 85 -3.75 15.03 -11.77
CA ASP A 85 -2.59 15.87 -11.45
C ASP A 85 -3.07 17.24 -11.02
N LYS A 86 -4.20 17.64 -11.57
CA LYS A 86 -4.75 18.90 -11.13
C LYS A 86 -4.94 18.71 -9.62
N TYR A 87 -5.48 17.58 -9.22
CA TYR A 87 -5.70 17.45 -7.81
C TYR A 87 -4.44 17.54 -7.08
N ILE A 88 -3.47 16.73 -7.47
CA ILE A 88 -2.21 16.64 -6.72
C ILE A 88 -1.47 17.98 -6.51
N GLN A 89 -1.63 18.87 -7.47
CA GLN A 89 -0.99 20.16 -7.43
C GLN A 89 -1.59 20.97 -6.27
N ARG A 90 -2.90 20.86 -6.09
CA ARG A 90 -3.55 21.55 -4.98
C ARG A 90 -3.10 21.05 -3.59
N LEU A 91 -2.79 19.77 -3.44
CA LEU A 91 -2.38 19.31 -2.12
C LEU A 91 -1.07 19.94 -1.71
N ASN A 92 -0.11 20.04 -2.65
CA ASN A 92 1.22 20.55 -2.32
C ASN A 92 1.12 21.96 -1.76
N ASN A 93 0.21 22.74 -2.33
CA ASN A 93 0.01 24.09 -1.90
C ASN A 93 -0.59 24.11 -0.51
N ILE A 94 -1.54 23.21 -0.27
CA ILE A 94 -2.16 23.09 1.01
C ILE A 94 -1.10 22.70 2.05
N TYR A 95 -0.28 21.71 1.74
CA TYR A 95 0.72 21.31 2.72
C TYR A 95 1.63 22.45 3.10
N ARG A 96 1.96 23.30 2.12
CA ARG A 96 2.85 24.43 2.36
C ARG A 96 2.12 25.51 3.10
N GLN A 97 0.80 25.47 3.02
CA GLN A 97 -0.05 26.38 3.79
C GLN A 97 -0.10 25.93 5.25
N ASN A 98 -0.29 24.64 5.47
CA ASN A 98 -0.36 24.13 6.83
C ASN A 98 0.96 24.39 7.48
N LEU A 99 2.01 24.43 6.68
CA LEU A 99 3.34 24.57 7.22
C LEU A 99 3.68 25.97 7.74
N SER A 100 2.86 26.96 7.37
CA SER A 100 3.03 28.32 7.87
C SER A 100 2.02 28.59 8.95
N LYS A 101 0.91 27.86 8.89
CA LYS A 101 -0.16 27.91 9.86
C LYS A 101 0.38 27.55 11.24
N ASP A 102 1.31 26.59 11.28
CA ASP A 102 1.82 26.12 12.57
C ASP A 102 3.21 26.63 12.97
N LYS A 103 3.75 27.54 12.18
CA LYS A 103 5.02 28.19 12.52
C LYS A 103 6.34 27.43 12.22
N VAL A 104 6.27 26.41 11.36
CA VAL A 104 7.48 25.69 10.93
C VAL A 104 8.15 26.44 9.77
N ASP A 105 9.48 26.57 9.82
CA ASP A 105 10.29 27.27 8.80
C ASP A 105 10.70 26.33 7.69
N LEU A 106 9.91 26.23 6.65
CA LEU A 106 10.25 25.30 5.56
C LEU A 106 11.44 25.76 4.71
N TYR A 107 12.20 24.81 4.20
CA TYR A 107 13.37 25.08 3.38
C TYR A 107 13.43 24.07 2.23
N GLU A 108 13.55 24.56 1.01
CA GLU A 108 13.53 23.65 -0.11
C GLU A 108 14.95 23.43 -0.50
N GLY A 109 15.38 22.19 -0.53
CA GLY A 109 16.72 21.89 -0.96
C GLY A 109 17.06 20.51 -0.48
N THR A 110 18.13 19.93 -1.01
CA THR A 110 18.52 18.62 -0.54
C THR A 110 19.18 18.80 0.83
N ALA A 111 18.92 17.89 1.76
CA ALA A 111 19.52 18.00 3.07
C ALA A 111 20.78 17.17 3.10
N SER A 112 21.77 17.64 3.87
CA SER A 112 23.02 16.92 4.00
C SER A 112 23.64 17.22 5.36
N PHE A 113 24.19 16.20 6.01
CA PHE A 113 24.85 16.41 7.29
C PHE A 113 26.26 16.94 7.10
N LEU A 114 26.78 17.54 8.17
CA LEU A 114 28.05 18.21 8.13
C LEU A 114 28.99 17.61 9.16
N GLU A 141 21.50 24.13 11.42
CA GLU A 141 21.66 24.21 12.87
C GLU A 141 20.45 23.82 13.73
N GLY A 142 20.45 22.58 14.23
CA GLY A 142 19.32 22.15 15.04
C GLY A 142 19.77 21.28 16.17
N ARG A 143 18.91 21.18 17.20
CA ARG A 143 19.19 20.47 18.46
C ARG A 143 18.88 18.98 18.38
N ASN A 144 17.81 18.63 17.64
CA ASN A 144 17.34 17.25 17.39
C ASN A 144 16.97 17.12 15.93
N ILE A 145 17.72 16.32 15.18
CA ILE A 145 17.52 16.20 13.75
C ILE A 145 16.82 14.87 13.34
N LEU A 146 15.71 14.96 12.60
CA LEU A 146 14.91 13.79 12.23
C LEU A 146 14.99 13.33 10.77
N ILE A 147 15.51 12.13 10.55
CA ILE A 147 15.59 11.63 9.20
C ILE A 147 14.25 11.09 8.75
N ALA A 148 13.72 11.65 7.66
CA ALA A 148 12.43 11.18 7.11
C ALA A 148 12.52 11.25 5.60
N VAL A 149 13.36 10.39 5.05
CA VAL A 149 13.55 10.37 3.61
C VAL A 149 13.10 9.08 2.93
N GLY A 150 12.15 8.30 3.47
CA GLY A 150 11.60 7.07 2.79
C GLY A 150 12.46 6.37 1.69
N ASN A 151 11.84 5.69 0.72
CA ASN A 151 12.63 5.00 -0.26
C ASN A 151 12.72 5.69 -1.60
N LYS A 152 12.86 4.83 -2.61
CA LYS A 152 13.09 5.18 -4.00
C LYS A 152 13.06 3.80 -4.53
N PRO A 153 12.63 3.65 -5.79
CA PRO A 153 12.43 2.33 -6.40
C PRO A 153 13.66 1.47 -6.62
N VAL A 154 13.45 0.16 -6.74
CA VAL A 154 14.57 -0.76 -7.00
C VAL A 154 14.60 -1.61 -8.31
N PHE A 155 15.61 -1.33 -9.14
CA PHE A 155 15.83 -2.03 -10.39
C PHE A 155 16.99 -3.00 -10.25
N PRO A 156 16.71 -4.30 -10.31
CA PRO A 156 17.76 -5.31 -10.13
C PRO A 156 18.71 -5.45 -11.33
N PRO A 157 19.87 -6.12 -11.17
CA PRO A 157 20.78 -6.35 -12.30
C PRO A 157 20.15 -7.40 -13.19
N VAL A 158 19.26 -6.97 -14.06
CA VAL A 158 18.64 -7.92 -14.95
C VAL A 158 18.88 -7.44 -16.34
N LYS A 159 19.03 -8.39 -17.25
CA LYS A 159 19.23 -8.10 -18.67
C LYS A 159 17.98 -7.53 -19.35
N GLY A 160 18.08 -6.26 -19.74
CA GLY A 160 17.05 -5.51 -20.41
C GLY A 160 16.46 -4.48 -19.48
N ILE A 161 16.84 -4.58 -18.22
CA ILE A 161 16.31 -3.67 -17.23
C ILE A 161 16.29 -2.20 -17.66
N GLU A 162 17.21 -1.83 -18.54
CA GLU A 162 17.25 -0.49 -19.10
C GLU A 162 15.90 -0.17 -19.75
N ASN A 163 15.27 -1.17 -20.36
CA ASN A 163 13.99 -0.99 -21.06
C ASN A 163 12.76 -0.97 -20.15
N THR A 164 12.99 -0.75 -18.86
CA THR A 164 11.94 -0.90 -17.91
C THR A 164 11.64 0.40 -17.16
N ILE A 165 10.50 0.44 -16.47
CA ILE A 165 10.12 1.60 -15.69
C ILE A 165 9.66 1.15 -14.32
N SER A 166 9.31 2.14 -13.51
CA SER A 166 8.93 1.83 -12.16
C SER A 166 7.61 2.40 -11.87
N SER A 167 6.91 1.66 -11.03
CA SER A 167 5.70 2.07 -10.40
C SER A 167 5.56 3.59 -10.40
N ASP A 168 6.59 4.34 -10.03
CA ASP A 168 6.48 5.79 -10.07
C ASP A 168 6.03 6.26 -11.45
N GLU A 169 6.85 5.93 -12.47
CA GLU A 169 6.75 6.37 -13.87
C GLU A 169 5.40 6.09 -14.46
N PHE A 170 4.75 5.10 -13.91
CA PHE A 170 3.46 4.68 -14.36
C PHE A 170 2.54 5.87 -14.35
N PHE A 171 2.76 6.75 -13.39
CA PHE A 171 1.96 7.97 -13.31
C PHE A 171 2.22 8.98 -14.43
N ASN A 172 3.11 8.65 -15.36
CA ASN A 172 3.22 9.53 -16.51
C ASN A 172 2.53 8.92 -17.72
N ILE A 173 2.14 7.66 -17.61
CA ILE A 173 1.55 6.98 -18.76
C ILE A 173 0.18 7.54 -19.22
N LYS A 174 0.13 8.17 -20.40
CA LYS A 174 -1.15 8.60 -20.98
C LYS A 174 -1.61 7.83 -22.25
N GLU A 175 -0.77 6.93 -22.76
CA GLU A 175 -1.13 6.05 -23.89
C GLU A 175 -0.59 4.62 -23.73
N SER A 176 -1.40 3.59 -24.04
CA SER A 176 -0.92 2.20 -23.88
C SER A 176 -1.87 1.06 -24.24
N LYS A 177 -1.46 0.14 -25.11
CA LYS A 177 -2.35 -0.99 -25.42
C LYS A 177 -2.05 -2.31 -24.70
N LYS A 178 -0.82 -2.48 -24.24
CA LYS A 178 -0.42 -3.66 -23.46
C LYS A 178 0.65 -3.40 -22.37
N ILE A 179 0.37 -3.77 -21.13
CA ILE A 179 1.39 -3.54 -20.08
C ILE A 179 1.75 -4.79 -19.30
N GLY A 180 3.03 -4.97 -19.00
CA GLY A 180 3.45 -6.11 -18.21
C GLY A 180 4.13 -5.68 -16.92
N ILE A 181 3.60 -6.21 -15.81
CA ILE A 181 4.18 -5.94 -14.52
C ILE A 181 4.99 -7.13 -13.98
N VAL A 182 6.20 -6.86 -13.50
CA VAL A 182 7.04 -7.93 -12.92
C VAL A 182 7.09 -7.78 -11.42
N GLY A 183 6.51 -8.75 -10.72
CA GLY A 183 6.39 -8.70 -9.26
C GLY A 183 4.99 -9.15 -8.94
N SER A 184 4.71 -9.46 -7.68
CA SER A 184 3.35 -9.82 -7.33
C SER A 184 3.03 -9.29 -5.94
N GLY A 185 3.75 -8.26 -5.51
CA GLY A 185 3.48 -7.64 -4.23
C GLY A 185 2.21 -6.81 -4.36
N TYR A 186 1.80 -6.14 -3.29
CA TYR A 186 0.54 -5.44 -3.32
C TYR A 186 0.45 -4.33 -4.35
N ILE A 187 1.55 -3.65 -4.64
CA ILE A 187 1.52 -2.53 -5.59
C ILE A 187 1.29 -3.01 -7.03
N ALA A 188 1.72 -4.24 -7.28
CA ALA A 188 1.73 -4.78 -8.60
C ALA A 188 0.30 -5.21 -8.92
N VAL A 189 -0.30 -5.91 -7.99
CA VAL A 189 -1.65 -6.36 -8.15
C VAL A 189 -2.71 -5.23 -8.27
N GLU A 190 -2.56 -4.22 -7.43
CA GLU A 190 -3.39 -3.05 -7.44
C GLU A 190 -3.19 -2.40 -8.77
N LEU A 191 -1.94 -2.36 -9.21
CA LEU A 191 -1.72 -1.65 -10.44
C LEU A 191 -2.22 -2.41 -11.65
N ILE A 192 -2.06 -3.73 -11.66
CA ILE A 192 -2.53 -4.49 -12.82
C ILE A 192 -4.02 -4.49 -12.90
N ASN A 193 -4.70 -4.51 -11.76
CA ASN A 193 -6.15 -4.48 -11.79
C ASN A 193 -6.63 -3.09 -12.25
N VAL A 194 -5.94 -2.07 -11.82
CA VAL A 194 -6.32 -0.74 -12.29
C VAL A 194 -6.04 -0.65 -13.79
N ILE A 195 -4.91 -1.21 -14.22
CA ILE A 195 -4.55 -1.19 -15.64
C ILE A 195 -5.63 -1.86 -16.56
N LYS A 196 -6.03 -3.11 -16.34
CA LYS A 196 -7.09 -3.77 -17.13
C LYS A 196 -8.36 -3.01 -17.33
N ARG A 197 -8.85 -2.45 -16.22
CA ARG A 197 -10.09 -1.72 -16.06
C ARG A 197 -9.95 -0.36 -16.75
N LEU A 198 -8.82 -0.12 -17.40
CA LEU A 198 -8.67 1.10 -18.17
C LEU A 198 -8.51 0.79 -19.65
N GLY A 199 -8.91 -0.44 -20.03
CA GLY A 199 -8.91 -0.85 -21.42
C GLY A 199 -7.63 -1.48 -21.92
N ILE A 200 -6.64 -1.49 -21.05
CA ILE A 200 -5.34 -2.08 -21.36
C ILE A 200 -5.14 -3.58 -21.04
N ASP A 201 -4.57 -4.27 -22.02
CA ASP A 201 -4.42 -5.69 -22.01
C ASP A 201 -3.39 -5.91 -20.95
N SER A 202 -3.48 -6.96 -20.13
CA SER A 202 -2.63 -6.99 -18.92
C SER A 202 -2.01 -8.33 -18.46
N TYR A 203 -0.71 -8.27 -18.13
CA TYR A 203 -0.04 -9.40 -17.56
C TYR A 203 0.73 -9.07 -16.26
N ILE A 204 0.82 -10.03 -15.39
CA ILE A 204 1.57 -9.79 -14.22
C ILE A 204 2.40 -11.07 -14.03
N PHE A 205 3.72 -10.91 -13.92
CA PHE A 205 4.59 -12.05 -13.74
C PHE A 205 4.98 -12.28 -12.32
N ALA A 206 4.87 -13.52 -11.88
CA ALA A 206 5.08 -13.83 -10.51
C ALA A 206 6.03 -15.01 -10.34
N ARG A 207 6.85 -14.95 -9.29
CA ARG A 207 7.87 -15.97 -9.10
C ARG A 207 7.34 -17.27 -8.53
N GLY A 208 6.32 -17.19 -7.71
CA GLY A 208 5.80 -18.35 -7.03
C GLY A 208 4.61 -18.97 -7.69
N ASN A 209 3.77 -19.60 -6.89
CA ASN A 209 2.64 -20.32 -7.43
C ASN A 209 1.47 -19.40 -7.57
N ARG A 210 1.45 -18.36 -6.75
CA ARG A 210 0.35 -17.47 -6.77
C ARG A 210 0.85 -16.13 -6.35
N ILE A 211 0.18 -15.08 -6.84
CA ILE A 211 0.48 -13.70 -6.45
C ILE A 211 0.16 -13.59 -4.99
N LEU A 212 0.63 -12.49 -4.37
CA LEU A 212 0.33 -12.16 -2.98
C LEU A 212 0.63 -13.32 -1.95
N ARG A 213 1.80 -13.92 -2.11
CA ARG A 213 2.31 -15.03 -1.34
C ARG A 213 2.29 -14.72 0.16
N LYS A 214 2.14 -13.49 0.56
CA LYS A 214 2.13 -13.16 1.97
C LYS A 214 0.73 -13.18 2.61
N PHE A 215 -0.31 -13.23 1.78
CA PHE A 215 -1.68 -13.20 2.29
C PHE A 215 -2.39 -14.50 2.22
N ASP A 216 -3.39 -14.65 3.07
CA ASP A 216 -4.13 -15.86 3.17
C ASP A 216 -4.45 -16.46 1.78
N GLU A 217 -4.16 -17.74 1.58
CA GLU A 217 -4.27 -18.38 0.27
C GLU A 217 -5.70 -18.51 -0.30
N SER A 218 -6.70 -18.52 0.56
CA SER A 218 -8.09 -18.67 0.12
C SER A 218 -8.61 -17.34 -0.44
N VAL A 219 -8.26 -16.27 0.29
CA VAL A 219 -8.61 -14.93 -0.06
C VAL A 219 -7.98 -14.69 -1.38
N ILE A 220 -6.79 -15.22 -1.61
CA ILE A 220 -6.15 -15.05 -2.91
C ILE A 220 -6.69 -15.96 -3.99
N ASN A 221 -7.16 -17.15 -3.64
CA ASN A 221 -7.77 -17.98 -4.68
C ASN A 221 -8.95 -17.19 -5.36
N VAL A 222 -9.72 -16.45 -4.54
CA VAL A 222 -10.85 -15.67 -5.01
C VAL A 222 -10.39 -14.46 -5.85
N LEU A 223 -9.36 -13.80 -5.34
CA LEU A 223 -8.73 -12.71 -6.08
C LEU A 223 -8.32 -13.17 -7.49
N GLU A 224 -7.42 -14.16 -7.58
CA GLU A 224 -6.99 -14.72 -8.90
C GLU A 224 -8.15 -15.22 -9.80
N ASN A 225 -9.11 -15.94 -9.23
CA ASN A 225 -10.26 -16.37 -10.04
C ASN A 225 -10.99 -15.23 -10.74
N ASP A 226 -11.17 -14.13 -10.02
CA ASP A 226 -11.86 -12.97 -10.49
C ASP A 226 -10.99 -12.21 -11.55
N MET A 227 -9.72 -11.98 -11.22
CA MET A 227 -8.78 -11.42 -12.17
C MET A 227 -8.81 -12.21 -13.51
N LYS A 228 -8.77 -13.52 -13.41
CA LYS A 228 -8.72 -14.34 -14.61
C LYS A 228 -10.07 -14.24 -15.30
N LYS A 229 -11.12 -14.02 -14.50
CA LYS A 229 -12.46 -13.88 -15.02
C LYS A 229 -12.50 -12.60 -15.87
N ASN A 230 -11.78 -11.58 -15.39
CA ASN A 230 -11.68 -10.34 -16.14
C ASN A 230 -10.51 -10.24 -17.10
N ASN A 231 -9.97 -11.39 -17.47
CA ASN A 231 -8.93 -11.47 -18.47
C ASN A 231 -7.63 -10.84 -18.07
N ILE A 232 -7.35 -10.81 -16.78
CA ILE A 232 -6.03 -10.44 -16.43
C ILE A 232 -5.17 -11.73 -16.54
N ASN A 233 -4.06 -11.67 -17.26
CA ASN A 233 -3.20 -12.86 -17.37
C ASN A 233 -2.18 -12.92 -16.28
N ILE A 234 -2.24 -14.01 -15.48
CA ILE A 234 -1.31 -14.24 -14.38
C ILE A 234 -0.42 -15.45 -14.70
N VAL A 235 0.90 -15.21 -14.68
CA VAL A 235 1.95 -16.14 -15.05
C VAL A 235 2.70 -16.51 -13.79
N THR A 236 2.76 -17.82 -13.54
CA THR A 236 3.41 -18.31 -12.33
C THR A 236 4.73 -18.96 -12.63
N PHE A 237 5.55 -19.00 -11.59
CA PHE A 237 6.91 -19.56 -11.59
C PHE A 237 7.74 -18.88 -12.64
N ALA A 238 7.60 -17.57 -12.74
CA ALA A 238 8.33 -16.81 -13.75
C ALA A 238 9.60 -16.13 -13.28
N ASP A 239 10.70 -16.39 -13.97
CA ASP A 239 11.91 -15.64 -13.72
C ASP A 239 12.38 -14.98 -15.00
N VAL A 240 12.10 -13.70 -15.09
CA VAL A 240 12.49 -12.90 -16.21
C VAL A 240 14.00 -12.76 -16.23
N VAL A 241 14.65 -13.28 -17.25
CA VAL A 241 16.10 -13.14 -17.32
C VAL A 241 16.47 -12.21 -18.43
N GLU A 242 15.49 -11.62 -19.07
CA GLU A 242 15.83 -10.73 -20.14
C GLU A 242 14.66 -9.81 -20.50
N ILE A 243 14.97 -8.53 -20.69
CA ILE A 243 13.99 -7.56 -21.15
C ILE A 243 14.47 -6.95 -22.46
N LYS A 244 13.91 -7.48 -23.55
CA LYS A 244 14.24 -7.03 -24.90
C LYS A 244 13.44 -5.82 -25.37
N LYS A 245 14.02 -5.11 -26.33
CA LYS A 245 13.39 -3.97 -26.99
C LYS A 245 13.54 -4.20 -28.51
N VAL A 246 12.50 -4.73 -29.11
CA VAL A 246 12.50 -4.89 -30.52
C VAL A 246 12.59 -3.50 -31.10
N SER A 247 11.73 -2.61 -30.61
CA SER A 247 11.74 -1.23 -31.05
C SER A 247 11.23 -0.39 -29.90
N ASP A 248 10.66 0.77 -30.21
CA ASP A 248 10.12 1.66 -29.21
C ASP A 248 8.69 1.25 -28.99
N LYS A 249 8.41 0.75 -27.80
CA LYS A 249 7.07 0.35 -27.41
C LYS A 249 6.63 -0.96 -28.08
N ASN A 250 7.59 -1.87 -28.21
CA ASN A 250 7.38 -3.20 -28.79
C ASN A 250 8.32 -4.16 -28.05
N LEU A 251 8.12 -4.25 -26.73
CA LEU A 251 9.03 -5.02 -25.89
C LEU A 251 8.63 -6.48 -25.63
N SER A 252 9.64 -7.24 -25.21
CA SER A 252 9.49 -8.66 -24.95
C SER A 252 10.10 -9.05 -23.62
N ILE A 253 9.39 -9.95 -22.93
CA ILE A 253 9.75 -10.43 -21.59
C ILE A 253 10.21 -11.90 -21.72
N HIS A 254 11.46 -12.19 -21.34
CA HIS A 254 11.96 -13.55 -21.46
C HIS A 254 12.09 -14.26 -20.14
N LEU A 255 11.49 -15.44 -20.00
CA LEU A 255 11.57 -16.16 -18.75
C LEU A 255 12.57 -17.30 -18.80
N SER A 256 13.00 -17.75 -17.64
CA SER A 256 14.06 -18.75 -17.66
C SER A 256 13.65 -20.16 -18.11
N ASP A 257 12.37 -20.39 -18.32
CA ASP A 257 11.91 -21.72 -18.66
C ASP A 257 11.45 -21.96 -20.10
N GLY A 258 11.62 -20.98 -20.97
CA GLY A 258 11.16 -21.16 -22.33
C GLY A 258 9.98 -20.27 -22.68
N ARG A 259 9.15 -19.88 -21.72
CA ARG A 259 8.04 -19.00 -22.10
C ARG A 259 8.57 -17.64 -22.50
N ILE A 260 8.06 -17.12 -23.61
CA ILE A 260 8.34 -15.76 -24.10
C ILE A 260 7.00 -15.01 -24.23
N TYR A 261 7.04 -13.69 -24.01
CA TYR A 261 5.83 -12.84 -23.94
C TYR A 261 6.09 -11.53 -24.65
N GLU A 262 5.52 -11.35 -25.83
CA GLU A 262 5.84 -10.20 -26.67
C GLU A 262 4.86 -9.06 -26.61
N HIS A 263 5.21 -8.00 -27.35
CA HIS A 263 4.37 -6.82 -27.53
C HIS A 263 3.94 -6.01 -26.31
N PHE A 264 4.87 -5.56 -25.49
CA PHE A 264 4.62 -4.68 -24.35
C PHE A 264 5.09 -3.23 -24.63
N ASP A 265 4.23 -2.21 -24.43
CA ASP A 265 4.72 -0.83 -24.61
C ASP A 265 5.44 -0.47 -23.34
N HIS A 266 4.89 -0.88 -22.20
CA HIS A 266 5.62 -0.71 -20.94
C HIS A 266 5.75 -2.00 -20.08
N VAL A 267 6.98 -2.26 -19.66
CA VAL A 267 7.25 -3.28 -18.66
C VAL A 267 7.60 -2.46 -17.41
N ILE A 268 6.88 -2.78 -16.34
CA ILE A 268 7.00 -2.11 -15.06
C ILE A 268 7.63 -3.06 -14.09
N TYR A 269 8.65 -2.60 -13.38
CA TYR A 269 9.23 -3.45 -12.37
C TYR A 269 8.79 -3.07 -10.98
N CYS A 270 8.11 -3.98 -10.35
CA CYS A 270 7.66 -3.68 -9.03
C CYS A 270 8.38 -4.54 -8.08
N VAL A 271 9.66 -4.24 -7.94
CA VAL A 271 10.56 -5.05 -7.15
C VAL A 271 10.45 -4.82 -5.67
N GLY A 272 10.49 -3.55 -5.28
CA GLY A 272 10.43 -3.17 -3.88
C GLY A 272 11.06 -1.81 -3.81
N ARG A 273 11.23 -1.26 -2.62
CA ARG A 273 11.89 0.04 -2.56
C ARG A 273 12.95 0.10 -1.46
N SER A 274 13.95 0.95 -1.70
CA SER A 274 15.11 1.14 -0.85
C SER A 274 15.34 2.60 -0.42
N PRO A 275 15.72 2.79 0.83
CA PRO A 275 15.90 4.11 1.44
C PRO A 275 16.71 5.13 0.69
N ASP A 276 16.22 6.35 0.69
CA ASP A 276 17.01 7.45 0.13
C ASP A 276 18.09 7.77 1.16
N THR A 277 19.14 6.93 1.23
CA THR A 277 20.22 7.03 2.27
C THR A 277 21.66 7.16 1.70
N GLU A 278 21.82 6.79 0.44
CA GLU A 278 23.11 6.78 -0.27
C GLU A 278 24.09 7.92 -0.02
N ASN A 279 23.70 9.17 -0.23
CA ASN A 279 24.60 10.28 0.13
C ASN A 279 23.98 11.30 1.07
N LEU A 280 24.04 11.01 2.37
CA LEU A 280 23.53 11.93 3.37
C LEU A 280 24.74 12.45 4.19
N LYS A 281 25.93 12.03 3.74
CA LYS A 281 27.20 12.35 4.40
C LYS A 281 27.04 11.88 5.84
N LEU A 282 26.53 10.66 5.97
CA LEU A 282 26.26 10.04 7.26
C LEU A 282 27.38 9.20 7.89
N GLU A 283 28.11 8.42 7.08
CA GLU A 283 29.09 7.48 7.61
C GLU A 283 29.98 8.10 8.68
N LYS A 284 30.54 9.26 8.37
CA LYS A 284 31.37 9.93 9.34
C LYS A 284 30.51 10.31 10.52
N LEU A 285 29.68 9.37 10.95
CA LEU A 285 28.87 9.55 12.12
C LEU A 285 28.58 8.23 12.77
N ASN A 286 29.09 7.16 12.19
CA ASN A 286 28.89 5.87 12.81
C ASN A 286 27.40 5.60 13.13
N VAL A 287 26.49 6.18 12.35
CA VAL A 287 25.07 5.93 12.51
C VAL A 287 24.90 4.60 11.81
N GLU A 288 24.21 3.64 12.41
CA GLU A 288 24.20 2.30 11.85
C GLU A 288 23.34 2.13 10.58
N THR A 289 23.65 1.07 9.82
CA THR A 289 23.03 0.79 8.53
C THR A 289 22.95 -0.70 8.22
N ASN A 290 21.75 -1.26 8.09
CA ASN A 290 21.67 -2.69 7.74
C ASN A 290 21.93 -2.88 6.24
N ASN A 291 20.99 -2.46 5.42
CA ASN A 291 21.18 -2.44 3.97
C ASN A 291 20.58 -1.13 3.55
N ASN A 292 21.22 -0.07 4.04
CA ASN A 292 20.80 1.31 3.84
C ASN A 292 19.69 1.79 4.78
N TYR A 293 18.93 0.88 5.36
CA TYR A 293 17.92 1.31 6.31
C TYR A 293 18.58 1.75 7.60
N ILE A 294 18.14 2.89 8.11
CA ILE A 294 18.59 3.43 9.37
C ILE A 294 17.90 2.71 10.53
N VAL A 295 18.70 2.06 11.38
CA VAL A 295 18.27 1.32 12.57
C VAL A 295 17.93 2.27 13.71
N VAL A 296 16.92 1.90 14.49
CA VAL A 296 16.45 2.64 15.63
C VAL A 296 15.74 1.74 16.62
N ASP A 297 15.29 2.35 17.71
CA ASP A 297 14.67 1.62 18.79
C ASP A 297 13.21 1.93 18.92
N GLU A 298 12.57 1.31 19.90
CA GLU A 298 11.20 1.62 20.24
C GLU A 298 10.94 3.14 20.17
N ASN A 299 11.97 3.95 20.40
CA ASN A 299 11.77 5.40 20.43
C ASN A 299 12.18 6.11 19.16
N GLN A 300 12.72 5.35 18.21
CA GLN A 300 13.16 5.94 16.95
C GLN A 300 14.52 6.67 17.07
N ARG A 301 15.29 6.34 18.10
CA ARG A 301 16.58 6.96 18.30
C ARG A 301 17.70 6.25 17.55
N THR A 302 18.65 7.00 17.02
CA THR A 302 19.73 6.36 16.33
C THR A 302 20.74 5.77 17.30
N SER A 303 21.88 5.40 16.74
CA SER A 303 23.00 4.95 17.53
C SER A 303 23.45 6.24 18.18
N VAL A 304 23.37 7.29 17.38
CA VAL A 304 23.72 8.62 17.80
C VAL A 304 22.45 9.29 18.32
N ASN A 305 22.52 9.85 19.52
CA ASN A 305 21.35 10.50 20.06
C ASN A 305 21.22 11.87 19.48
N ASN A 306 20.16 12.58 19.81
CA ASN A 306 19.93 13.84 19.14
C ASN A 306 19.31 13.54 17.75
N ILE A 307 19.80 12.49 17.08
CA ILE A 307 19.35 12.15 15.74
C ILE A 307 18.32 11.00 15.69
N TYR A 308 17.15 11.26 15.12
CA TYR A 308 16.08 10.25 15.08
C TYR A 308 15.55 9.82 13.68
N ALA A 309 14.75 8.76 13.66
CA ALA A 309 14.29 8.31 12.36
C ALA A 309 12.95 7.57 12.27
N VAL A 310 12.04 8.12 11.50
CA VAL A 310 10.83 7.39 11.17
C VAL A 310 10.66 7.38 9.65
N GLY A 311 9.60 6.73 9.21
CA GLY A 311 9.31 6.63 7.80
C GLY A 311 9.94 5.35 7.34
N ASP A 312 9.44 4.78 6.24
CA ASP A 312 10.01 3.52 5.81
C ASP A 312 11.51 3.51 5.49
N CYS A 313 12.14 4.69 5.49
CA CYS A 313 13.56 4.87 5.31
C CYS A 313 14.32 4.26 6.48
N CYS A 314 13.58 3.93 7.54
CA CYS A 314 14.20 3.29 8.69
C CYS A 314 13.72 1.86 8.94
N MET A 315 14.30 1.23 9.96
CA MET A 315 13.93 -0.11 10.39
C MET A 315 13.89 -0.17 11.91
N VAL A 316 12.76 -0.58 12.45
CA VAL A 316 12.60 -0.59 13.89
C VAL A 316 12.97 -1.91 14.52
N LYS A 317 13.74 -1.81 15.62
CA LYS A 317 14.16 -2.94 16.43
C LYS A 317 15.01 -2.48 17.61
N PHE A 348 13.79 -6.19 14.16
CA PHE A 348 13.61 -5.09 13.24
C PHE A 348 12.46 -5.21 12.26
N TYR A 349 11.46 -4.31 12.39
CA TYR A 349 10.32 -4.17 11.46
C TYR A 349 10.72 -3.04 10.54
N ASN A 350 10.20 -3.04 9.30
CA ASN A 350 10.31 -1.89 8.42
C ASN A 350 8.90 -1.32 8.36
N VAL A 351 8.01 -1.94 7.59
CA VAL A 351 6.58 -1.57 7.46
C VAL A 351 6.26 -0.28 6.73
N GLN A 352 6.18 -0.32 5.40
CA GLN A 352 6.04 0.92 4.65
C GLN A 352 4.61 1.33 4.33
N LEU A 353 4.02 2.06 5.25
CA LEU A 353 2.63 2.50 5.18
C LEU A 353 2.52 3.89 5.73
N THR A 354 1.71 4.69 5.09
CA THR A 354 1.67 6.10 5.45
C THR A 354 1.29 6.35 6.92
N PRO A 355 0.25 5.67 7.39
CA PRO A 355 -0.27 5.89 8.73
C PRO A 355 0.75 5.44 9.77
N VAL A 356 1.60 4.50 9.43
CA VAL A 356 2.58 4.14 10.43
C VAL A 356 3.60 5.25 10.59
N ALA A 357 4.20 5.72 9.51
CA ALA A 357 5.08 6.88 9.57
C ALA A 357 4.39 8.14 10.13
N ILE A 358 3.07 8.25 9.95
CA ILE A 358 2.41 9.36 10.61
C ILE A 358 2.47 9.12 12.15
N ASN A 359 2.10 7.90 12.58
CA ASN A 359 2.15 7.62 14.01
C ASN A 359 3.55 7.96 14.56
N ALA A 360 4.53 7.16 14.20
CA ALA A 360 5.91 7.39 14.60
C ALA A 360 6.28 8.88 14.84
N GLY A 361 6.26 9.67 13.78
CA GLY A 361 6.64 11.08 13.84
C GLY A 361 5.87 11.90 14.86
N ARG A 362 4.57 11.65 14.95
CA ARG A 362 3.75 12.42 15.84
C ARG A 362 4.09 12.01 17.26
N LEU A 363 4.32 10.71 17.45
CA LEU A 363 4.54 10.25 18.80
C LEU A 363 5.90 10.71 19.30
N LEU A 364 6.88 10.70 18.42
CA LEU A 364 8.20 11.09 18.82
C LEU A 364 8.12 12.48 19.40
N ALA A 365 7.64 13.42 18.58
CA ALA A 365 7.49 14.83 18.96
C ALA A 365 7.15 14.97 20.44
N ASP A 366 6.33 14.05 20.92
CA ASP A 366 5.91 13.96 22.29
C ASP A 366 7.02 13.65 23.26
N ARG A 367 7.73 12.54 23.05
CA ARG A 367 8.86 12.22 23.91
C ARG A 367 9.80 13.41 23.91
N LEU A 368 9.83 14.09 22.77
CA LEU A 368 10.71 15.23 22.59
C LEU A 368 10.19 16.47 23.26
N PHE A 369 8.88 16.61 23.36
CA PHE A 369 8.41 17.88 23.85
C PHE A 369 7.51 17.90 25.06
N LEU A 370 6.61 16.92 25.16
CA LEU A 370 5.90 16.71 26.41
C LEU A 370 6.49 15.42 26.99
N LYS A 371 5.69 14.41 27.25
CA LYS A 371 6.29 13.15 27.76
C LYS A 371 6.21 11.83 26.97
N LYS A 372 7.32 11.11 27.13
CA LYS A 372 7.65 9.80 26.55
C LYS A 372 6.58 8.72 26.54
N THR A 373 5.85 8.64 27.64
CA THR A 373 4.85 7.61 27.80
C THR A 373 4.50 6.86 26.48
N ARG A 374 3.88 7.55 25.51
CA ARG A 374 3.39 6.94 24.24
C ARG A 374 4.44 6.40 23.23
N LYS A 375 4.45 5.09 22.95
CA LYS A 375 5.34 4.54 21.88
C LYS A 375 4.55 3.82 20.75
N THR A 376 5.10 3.84 19.52
CA THR A 376 4.50 3.20 18.33
C THR A 376 4.43 1.67 18.36
N ASN A 377 3.23 1.10 18.25
CA ASN A 377 3.09 -0.35 18.13
C ASN A 377 3.09 -0.89 16.70
N TYR A 378 4.14 -1.60 16.29
CA TYR A 378 4.27 -2.21 14.97
C TYR A 378 3.58 -3.59 14.87
N LYS A 379 3.04 -4.04 15.99
CA LYS A 379 2.32 -5.31 16.04
C LYS A 379 0.82 -5.02 15.77
N LEU A 380 0.18 -5.78 14.90
CA LEU A 380 -1.20 -5.56 14.44
C LEU A 380 -1.29 -4.40 13.44
N ILE A 381 -1.06 -4.65 12.17
CA ILE A 381 -1.13 -3.54 11.26
C ILE A 381 -2.22 -3.78 10.25
N PRO A 382 -3.32 -3.07 10.33
CA PRO A 382 -4.41 -3.34 9.40
C PRO A 382 -3.95 -2.89 8.03
N THR A 383 -4.35 -3.62 6.99
CA THR A 383 -4.00 -3.33 5.63
C THR A 383 -5.20 -3.40 4.67
N VAL A 384 -5.09 -2.64 3.60
CA VAL A 384 -6.00 -2.77 2.52
C VAL A 384 -5.28 -2.89 1.17
N ILE A 385 -5.40 -4.04 0.51
CA ILE A 385 -4.92 -4.17 -0.86
C ILE A 385 -6.03 -3.64 -1.78
N PHE A 386 -5.77 -2.51 -2.40
CA PHE A 386 -6.77 -1.96 -3.26
C PHE A 386 -6.76 -2.68 -4.59
N SER A 387 -6.99 -3.98 -4.56
CA SER A 387 -7.11 -4.81 -5.74
C SER A 387 -8.52 -4.77 -6.27
N HIS A 388 -8.83 -5.50 -7.31
CA HIS A 388 -10.22 -5.61 -7.75
C HIS A 388 -10.58 -7.06 -7.73
N PRO A 389 -11.40 -7.48 -6.79
CA PRO A 389 -11.90 -6.63 -5.72
C PRO A 389 -10.85 -6.35 -4.66
N PRO A 390 -11.15 -5.40 -3.81
CA PRO A 390 -10.27 -4.99 -2.72
C PRO A 390 -10.29 -6.04 -1.57
N ILE A 391 -9.27 -5.95 -0.75
CA ILE A 391 -8.98 -6.91 0.28
C ILE A 391 -8.69 -6.16 1.51
N GLY A 392 -9.40 -6.50 2.59
CA GLY A 392 -9.14 -5.92 3.89
C GLY A 392 -8.43 -6.96 4.73
N THR A 393 -7.30 -6.65 5.32
CA THR A 393 -6.65 -7.74 6.06
C THR A 393 -5.94 -7.28 7.30
N ILE A 394 -6.31 -7.89 8.44
CA ILE A 394 -5.69 -7.64 9.72
C ILE A 394 -5.23 -8.93 10.35
N GLY A 395 -4.06 -8.90 10.99
CA GLY A 395 -3.61 -10.09 11.68
C GLY A 395 -3.20 -11.28 10.82
N LEU A 396 -3.15 -12.44 11.47
CA LEU A 396 -2.59 -13.63 10.82
C LEU A 396 -3.46 -14.33 9.82
N SER A 397 -2.81 -14.87 8.79
CA SER A 397 -3.45 -15.76 7.84
C SER A 397 -3.68 -17.08 8.56
N GLU A 398 -4.46 -17.97 7.97
CA GLU A 398 -4.74 -19.22 8.63
C GLU A 398 -3.49 -20.01 8.74
N GLU A 399 -2.58 -19.89 7.79
CA GLU A 399 -1.35 -20.66 7.89
C GLU A 399 -0.31 -20.00 8.83
N ALA A 400 -0.18 -18.69 8.79
CA ALA A 400 0.72 -18.05 9.74
C ALA A 400 0.33 -18.43 11.17
N ALA A 401 -0.97 -18.53 11.41
CA ALA A 401 -1.49 -18.87 12.72
C ALA A 401 -0.91 -20.19 13.21
N ILE A 402 -1.05 -21.18 12.33
CA ILE A 402 -0.58 -22.53 12.56
C ILE A 402 0.93 -22.67 12.64
N GLN A 403 1.67 -21.67 12.22
CA GLN A 403 3.10 -21.75 12.33
C GLN A 403 3.45 -21.26 13.71
N ILE A 404 2.53 -20.53 14.30
CA ILE A 404 2.76 -19.98 15.61
C ILE A 404 2.12 -20.77 16.77
N TYR A 405 0.83 -21.05 16.69
CA TYR A 405 0.15 -21.72 17.77
C TYR A 405 -0.14 -23.20 17.53
N GLY A 406 0.11 -23.68 16.32
CA GLY A 406 -0.12 -25.08 16.03
C GLY A 406 -1.56 -25.40 15.65
N LYS A 407 -1.71 -26.28 14.65
CA LYS A 407 -2.98 -26.69 14.05
C LYS A 407 -4.05 -27.18 15.05
N GLU A 408 -3.61 -27.76 16.16
CA GLU A 408 -4.54 -28.24 17.16
C GLU A 408 -5.27 -27.03 17.78
N ASN A 409 -4.68 -25.85 17.63
CA ASN A 409 -5.26 -24.66 18.25
C ASN A 409 -5.94 -23.67 17.27
N VAL A 410 -5.97 -23.99 15.98
CA VAL A 410 -6.55 -23.04 15.06
C VAL A 410 -7.88 -23.43 14.49
N LYS A 411 -8.93 -22.65 14.79
CA LYS A 411 -10.23 -22.85 14.16
C LYS A 411 -10.46 -21.68 13.22
N ILE A 412 -11.13 -21.98 12.13
CA ILE A 412 -11.39 -21.04 11.06
C ILE A 412 -12.87 -20.92 10.80
N TYR A 413 -13.30 -19.71 10.44
CA TYR A 413 -14.68 -19.45 10.02
C TYR A 413 -14.56 -18.69 8.70
N GLU A 414 -15.36 -19.08 7.70
CA GLU A 414 -15.29 -18.38 6.41
C GLU A 414 -16.67 -18.29 5.77
N SER A 415 -16.82 -17.33 4.83
CA SER A 415 -18.07 -17.27 4.09
C SER A 415 -17.83 -16.95 2.67
N LYS A 416 -18.75 -17.41 1.81
CA LYS A 416 -18.75 -17.00 0.40
C LYS A 416 -20.16 -16.63 -0.01
N PHE A 417 -20.34 -15.40 -0.55
CA PHE A 417 -21.62 -14.90 -1.01
C PHE A 417 -21.44 -13.82 -2.08
N THR A 418 -22.60 -13.36 -2.61
CA THR A 418 -22.71 -12.34 -3.63
C THR A 418 -23.30 -11.06 -3.12
N ASN A 419 -22.57 -9.93 -3.31
CA ASN A 419 -23.09 -8.67 -2.77
C ASN A 419 -24.47 -8.43 -3.38
N LEU A 420 -25.38 -7.80 -2.66
CA LEU A 420 -26.71 -7.56 -3.18
C LEU A 420 -26.62 -6.67 -4.47
N PHE A 421 -25.56 -5.88 -4.55
CA PHE A 421 -25.33 -5.02 -5.71
C PHE A 421 -25.44 -5.73 -7.05
N PHE A 422 -25.11 -7.05 -7.02
CA PHE A 422 -25.05 -7.85 -8.22
C PHE A 422 -26.32 -8.64 -8.49
N SER A 423 -27.33 -8.39 -7.67
CA SER A 423 -28.59 -9.08 -7.79
C SER A 423 -29.25 -8.86 -9.16
N VAL A 424 -29.17 -7.63 -9.66
CA VAL A 424 -29.83 -7.38 -10.93
C VAL A 424 -29.00 -7.68 -12.11
N TYR A 425 -27.69 -7.86 -11.97
CA TYR A 425 -26.89 -8.27 -13.09
C TYR A 425 -27.58 -9.48 -13.73
N ASP A 426 -27.87 -9.44 -15.03
CA ASP A 426 -28.65 -10.51 -15.65
C ASP A 426 -27.84 -11.74 -16.10
N ILE A 427 -27.17 -12.33 -15.15
CA ILE A 427 -26.23 -13.37 -15.43
C ILE A 427 -26.40 -14.50 -14.39
N GLU A 428 -25.99 -15.71 -14.71
CA GLU A 428 -26.03 -16.85 -13.79
C GLU A 428 -25.29 -16.56 -12.49
N PRO A 429 -25.98 -16.75 -11.39
CA PRO A 429 -25.42 -16.50 -10.05
C PRO A 429 -23.95 -16.84 -9.85
N GLU A 430 -23.61 -18.06 -10.20
CA GLU A 430 -22.25 -18.48 -9.97
C GLU A 430 -21.14 -17.72 -10.73
N LEU A 431 -21.55 -16.82 -11.62
CA LEU A 431 -20.65 -16.03 -12.43
C LEU A 431 -20.59 -14.59 -11.91
N LYS A 432 -21.32 -14.29 -10.85
CA LYS A 432 -21.25 -12.93 -10.29
C LYS A 432 -20.05 -12.78 -9.37
N GLU A 433 -19.45 -11.62 -9.48
CA GLU A 433 -18.37 -11.24 -8.61
C GLU A 433 -18.61 -11.64 -7.16
N LYS A 434 -17.60 -12.21 -6.55
CA LYS A 434 -17.87 -12.77 -5.26
C LYS A 434 -17.36 -11.96 -4.07
N THR A 435 -17.77 -12.40 -2.88
CA THR A 435 -17.29 -11.86 -1.65
C THR A 435 -17.00 -13.05 -0.73
N TYR A 436 -15.82 -13.07 -0.14
CA TYR A 436 -15.38 -14.20 0.67
C TYR A 436 -14.77 -13.68 1.95
N LEU A 437 -15.14 -14.24 3.07
CA LEU A 437 -14.52 -13.81 4.30
C LEU A 437 -14.01 -14.98 5.16
N LYS A 438 -13.07 -14.63 6.04
CA LYS A 438 -12.33 -15.59 6.87
C LYS A 438 -12.07 -15.07 8.27
N LEU A 439 -12.49 -15.85 9.28
CA LEU A 439 -12.12 -15.61 10.68
C LEU A 439 -11.15 -16.71 11.14
N VAL A 440 -9.98 -16.31 11.60
CA VAL A 440 -8.97 -17.24 12.02
C VAL A 440 -8.99 -17.10 13.54
N CYS A 441 -9.28 -18.19 14.23
CA CYS A 441 -9.37 -18.13 15.67
C CYS A 441 -8.37 -19.08 16.41
N VAL A 442 -7.63 -18.49 17.33
CA VAL A 442 -6.61 -19.20 18.07
C VAL A 442 -6.97 -19.32 19.54
N GLY A 443 -7.19 -20.54 20.01
CA GLY A 443 -7.36 -20.74 21.45
C GLY A 443 -8.55 -21.50 22.02
N LYS A 444 -9.26 -20.86 22.96
CA LYS A 444 -10.32 -21.58 23.65
C LYS A 444 -11.65 -20.84 23.69
N ASP A 445 -11.65 -19.54 23.91
CA ASP A 445 -12.91 -18.84 23.72
C ASP A 445 -12.76 -18.11 22.42
N GLU A 446 -11.80 -18.56 21.64
CA GLU A 446 -11.63 -18.12 20.29
C GLU A 446 -11.27 -16.65 20.05
N LEU A 447 -10.03 -16.32 20.37
CA LEU A 447 -9.49 -15.03 20.02
C LEU A 447 -9.35 -15.00 18.51
N ILE A 448 -9.64 -13.84 17.94
CA ILE A 448 -9.46 -13.64 16.53
C ILE A 448 -8.05 -13.15 16.29
N LYS A 449 -7.16 -13.99 15.77
CA LYS A 449 -5.81 -13.51 15.49
C LYS A 449 -5.60 -13.00 14.05
N GLY A 450 -6.57 -13.27 13.15
CA GLY A 450 -6.50 -12.81 11.78
C GLY A 450 -7.90 -12.51 11.30
N LEU A 451 -8.08 -11.56 10.38
CA LEU A 451 -9.41 -11.18 9.86
C LEU A 451 -9.24 -10.73 8.43
N HIS A 452 -9.94 -11.36 7.50
CA HIS A 452 -9.74 -10.97 6.10
C HIS A 452 -10.98 -11.03 5.29
N ILE A 453 -11.06 -10.19 4.25
CA ILE A 453 -12.20 -10.28 3.38
C ILE A 453 -11.77 -9.60 2.12
N ILE A 454 -12.38 -10.04 1.04
CA ILE A 454 -12.15 -9.58 -0.29
C ILE A 454 -13.54 -9.33 -0.86
N GLY A 455 -13.76 -8.10 -1.39
CA GLY A 455 -14.98 -7.75 -2.09
C GLY A 455 -15.33 -6.29 -2.27
N LEU A 456 -16.52 -6.10 -2.84
CA LEU A 456 -17.09 -4.82 -2.96
C LEU A 456 -17.06 -4.22 -1.55
N ASN A 457 -16.29 -3.15 -1.44
CA ASN A 457 -16.17 -2.32 -0.25
C ASN A 457 -15.39 -2.87 0.87
N ALA A 458 -14.59 -3.90 0.63
CA ALA A 458 -13.85 -4.52 1.72
C ALA A 458 -12.89 -3.50 2.32
N ASP A 459 -12.49 -2.57 1.47
CA ASP A 459 -11.67 -1.46 1.89
C ASP A 459 -12.38 -0.64 2.96
N GLU A 460 -13.70 -0.63 2.97
CA GLU A 460 -14.32 0.21 3.98
C GLU A 460 -14.82 -0.53 5.19
N ILE A 461 -14.88 -1.84 5.11
CA ILE A 461 -15.41 -2.66 6.21
C ILE A 461 -14.36 -3.01 7.28
N VAL A 462 -13.08 -3.04 6.97
CA VAL A 462 -12.12 -3.46 7.99
C VAL A 462 -11.69 -2.48 9.10
N GLN A 463 -11.42 -1.23 8.78
CA GLN A 463 -10.98 -0.29 9.82
C GLN A 463 -11.54 -0.60 11.17
N GLY A 464 -12.84 -0.78 11.22
CA GLY A 464 -13.60 -0.94 12.45
C GLY A 464 -13.34 -2.20 13.22
N PHE A 465 -13.21 -3.31 12.52
CA PHE A 465 -12.93 -4.58 13.13
C PHE A 465 -11.54 -4.51 13.73
N ALA A 466 -10.72 -3.61 13.23
CA ALA A 466 -9.37 -3.53 13.78
C ALA A 466 -9.45 -2.96 15.16
N VAL A 467 -10.43 -2.09 15.43
CA VAL A 467 -10.51 -1.58 16.79
C VAL A 467 -10.80 -2.72 17.75
N ALA A 468 -11.51 -3.73 17.22
CA ALA A 468 -11.91 -4.90 18.00
C ALA A 468 -10.84 -6.01 18.13
N LEU A 469 -10.04 -6.18 17.09
CA LEU A 469 -8.93 -7.10 17.22
C LEU A 469 -7.95 -6.51 18.25
N LYS A 470 -7.67 -5.20 18.19
CA LYS A 470 -6.74 -4.73 19.19
C LYS A 470 -7.27 -5.00 20.62
N MET A 471 -8.60 -5.11 20.80
CA MET A 471 -9.20 -5.35 22.11
C MET A 471 -9.42 -6.83 22.37
N ASN A 472 -8.61 -7.67 21.71
CA ASN A 472 -8.69 -9.11 21.90
C ASN A 472 -10.11 -9.67 21.88
N ALA A 473 -10.94 -9.14 20.99
CA ALA A 473 -12.32 -9.61 20.86
C ALA A 473 -12.37 -11.12 20.53
N THR A 474 -13.53 -11.75 20.73
CA THR A 474 -13.62 -13.17 20.36
C THR A 474 -14.78 -13.45 19.43
N LYS A 475 -14.78 -14.63 18.85
CA LYS A 475 -15.90 -15.02 18.02
C LYS A 475 -17.18 -14.55 18.70
N LYS A 476 -17.38 -14.97 19.95
CA LYS A 476 -18.53 -14.59 20.77
C LYS A 476 -18.78 -13.01 20.89
N ASP A 477 -17.81 -12.07 20.65
CA ASP A 477 -18.03 -10.56 20.76
C ASP A 477 -18.74 -10.13 19.51
N PHE A 478 -18.27 -10.84 18.49
CA PHE A 478 -18.82 -10.67 17.19
C PHE A 478 -20.21 -11.28 17.23
N ASP A 479 -20.35 -12.49 17.85
CA ASP A 479 -21.64 -13.15 17.87
C ASP A 479 -22.67 -12.37 18.65
N GLU A 480 -22.27 -11.66 19.71
CA GLU A 480 -23.27 -10.91 20.47
C GLU A 480 -23.53 -9.57 19.79
N THR A 481 -22.86 -9.31 18.68
CA THR A 481 -23.05 -8.06 18.03
C THR A 481 -24.17 -8.20 17.03
N ILE A 482 -25.24 -7.46 17.30
CA ILE A 482 -26.37 -7.48 16.46
C ILE A 482 -25.91 -6.86 15.19
N PRO A 483 -26.20 -7.51 14.05
CA PRO A 483 -25.78 -7.02 12.72
C PRO A 483 -26.67 -5.94 12.08
N ILE A 484 -26.10 -5.17 11.13
CA ILE A 484 -26.77 -4.19 10.34
C ILE A 484 -27.18 -4.87 9.02
N HIS A 485 -28.42 -4.61 8.61
CA HIS A 485 -28.96 -5.23 7.42
C HIS A 485 -29.58 -4.22 6.41
N PRO A 486 -29.35 -4.38 5.13
CA PRO A 486 -28.49 -5.40 4.57
C PRO A 486 -27.12 -4.87 4.19
N THR A 487 -26.07 -5.55 4.62
CA THR A 487 -24.74 -5.08 4.29
C THR A 487 -23.77 -6.20 4.06
N ALA A 488 -22.71 -5.95 3.32
CA ALA A 488 -21.68 -7.00 3.19
C ALA A 488 -21.10 -7.32 4.59
N ALA A 489 -20.85 -6.30 5.40
CA ALA A 489 -20.16 -6.47 6.63
C ALA A 489 -20.86 -7.35 7.76
N GLU A 490 -22.18 -7.34 7.79
CA GLU A 490 -22.91 -8.15 8.71
C GLU A 490 -22.55 -9.67 8.62
N GLU A 491 -22.10 -10.14 7.47
CA GLU A 491 -21.80 -11.55 7.36
C GLU A 491 -20.80 -11.96 8.45
N PHE A 492 -20.02 -10.99 8.90
CA PHE A 492 -19.04 -11.32 9.91
C PHE A 492 -19.69 -11.79 11.23
N LEU A 493 -20.95 -11.44 11.43
CA LEU A 493 -21.62 -11.66 12.67
C LEU A 493 -22.49 -12.89 12.66
N THR A 494 -22.70 -13.47 11.51
CA THR A 494 -23.46 -14.70 11.49
C THR A 494 -22.63 -15.95 11.13
N LEU A 495 -21.31 -15.85 11.01
CA LEU A 495 -20.49 -17.05 10.70
C LEU A 495 -20.73 -18.04 11.81
N GLN A 496 -21.81 -18.75 11.68
CA GLN A 496 -22.08 -19.78 12.63
C GLN A 496 -21.94 -20.94 11.71
#